data_2PR9
#
_entry.id   2PR9
#
_cell.length_a   126.300
_cell.length_b   126.300
_cell.length_c   74.650
_cell.angle_alpha   90.000
_cell.angle_beta   90.000
_cell.angle_gamma   120.000
#
_symmetry.space_group_name_H-M   'P 64'
#
loop_
_entity.id
_entity.type
_entity.pdbx_description
1 polymer 'AP-2 complex subunit mu-1'
2 polymer 'GABA(A) receptor subunit gamma-2 peptide'
3 water water
#
loop_
_entity_poly.entity_id
_entity_poly.type
_entity_poly.pdbx_seq_one_letter_code
_entity_poly.pdbx_strand_id
1 'polypeptide(L)'
;MGSSHHHHHHSSGLVPRGSHMQIGWRREGIKYRRNELFLDVLESVNLLMSPQGQVLSAHVSGRVVMKSYLSGMPECKFGM
NDKIVIEKQGKGTADETSKSGKQSIAIDDCTFHQCVRLSKFDSERSISFIPPDGEFELMRYRTTKDIILPFRVIPLVREV
GRTKLEVKVVIKSNFKPSLLAQKIEVRIPTPLNTSGVQVICMKGKAKYKASENAIVWKIKRMAGMKESQISAEIELLPTN
DKKKWARPPISMNFEVPFAPSGLKVRYLKVFEPKLNYSDHDVIKWVRYIGRSGIYETRC
;
A
2 'polypeptide(L)' DEEYGYECLD P
#
# COMPACT_ATOMS: atom_id res chain seq x y z
N ILE A 23 -17.58 7.17 -30.54
CA ILE A 23 -16.90 6.78 -29.24
C ILE A 23 -17.99 6.25 -28.28
N GLY A 24 -18.10 4.92 -28.18
CA GLY A 24 -19.19 4.27 -27.42
C GLY A 24 -19.22 4.35 -25.88
N TRP A 25 -18.22 5.00 -25.23
CA TRP A 25 -18.09 5.12 -23.76
C TRP A 25 -18.20 6.59 -23.29
N ARG A 26 -18.42 7.52 -24.21
CA ARG A 26 -18.56 8.91 -23.88
C ARG A 26 -19.47 9.65 -24.89
N ARG A 27 -20.52 10.32 -24.35
CA ARG A 27 -21.55 11.01 -25.15
C ARG A 27 -21.06 12.37 -25.62
N GLU A 28 -21.84 12.99 -26.53
CA GLU A 28 -21.39 14.22 -27.18
C GLU A 28 -21.60 15.61 -26.53
N GLY A 29 -22.62 15.86 -25.71
CA GLY A 29 -22.76 17.29 -25.31
C GLY A 29 -22.23 17.73 -23.94
N ILE A 30 -21.12 17.14 -23.49
CA ILE A 30 -20.74 17.31 -22.09
C ILE A 30 -20.03 18.67 -21.85
N LYS A 31 -20.51 19.42 -20.83
CA LYS A 31 -19.89 20.68 -20.45
C LYS A 31 -19.80 20.85 -18.93
N TYR A 32 -18.67 21.42 -18.48
CA TYR A 32 -18.52 21.82 -17.05
C TYR A 32 -17.84 23.20 -17.05
N ARG A 33 -18.19 24.10 -16.13
CA ARG A 33 -17.46 25.36 -16.08
C ARG A 33 -16.14 25.09 -15.34
N ARG A 34 -16.19 24.28 -14.28
CA ARG A 34 -14.99 23.78 -13.62
C ARG A 34 -14.46 22.50 -14.31
N ASN A 35 -13.54 22.66 -15.26
CA ASN A 35 -12.97 21.46 -15.80
C ASN A 35 -12.01 20.93 -14.79
N GLU A 36 -12.33 19.79 -14.19
CA GLU A 36 -11.50 19.33 -13.08
C GLU A 36 -11.26 17.84 -13.24
N LEU A 37 -10.10 17.35 -12.78
CA LEU A 37 -9.82 15.87 -12.80
C LEU A 37 -9.04 15.40 -11.60
N PHE A 38 -9.34 14.16 -11.21
CA PHE A 38 -8.68 13.51 -10.06
C PHE A 38 -8.08 12.15 -10.42
N LEU A 39 -6.84 11.91 -10.02
CA LEU A 39 -6.19 10.60 -10.29
C LEU A 39 -5.84 9.95 -8.97
N ASP A 40 -6.10 8.63 -8.93
CA ASP A 40 -5.96 7.71 -7.74
C ASP A 40 -4.97 6.57 -8.11
N VAL A 41 -3.77 6.58 -7.52
CA VAL A 41 -2.83 5.49 -7.78
C VAL A 41 -2.95 4.54 -6.57
N LEU A 42 -3.58 3.37 -6.80
CA LEU A 42 -3.94 2.40 -5.76
C LEU A 42 -3.01 1.20 -5.91
N GLU A 43 -2.24 0.92 -4.85
CA GLU A 43 -1.31 -0.20 -4.94
C GLU A 43 -1.37 -1.09 -3.71
N SER A 44 -1.20 -2.38 -3.93
CA SER A 44 -0.93 -3.15 -2.73
C SER A 44 0.36 -3.89 -2.73
N VAL A 45 1.14 -3.71 -1.69
CA VAL A 45 2.47 -4.28 -1.74
C VAL A 45 2.48 -5.62 -1.03
N ASN A 46 2.94 -6.66 -1.74
CA ASN A 46 3.09 -7.97 -1.17
C ASN A 46 4.53 -8.36 -0.89
N LEU A 47 4.76 -8.81 0.33
CA LEU A 47 6.09 -9.21 0.78
C LEU A 47 6.15 -10.53 1.57
N LEU A 48 7.10 -11.39 1.24
CA LEU A 48 7.45 -12.52 2.12
C LEU A 48 8.94 -12.46 2.49
N MET A 49 9.18 -12.34 3.77
CA MET A 49 10.54 -12.10 4.25
C MET A 49 10.94 -13.16 5.25
N SER A 50 12.16 -13.64 5.13
CA SER A 50 12.76 -14.54 6.14
C SER A 50 13.06 -13.91 7.52
N PRO A 51 13.36 -14.79 8.52
CA PRO A 51 13.43 -14.27 9.92
C PRO A 51 14.66 -13.30 10.13
N GLN A 52 15.74 -13.52 9.39
CA GLN A 52 16.85 -12.56 9.42
C GLN A 52 16.85 -11.56 8.26
N GLY A 53 15.73 -11.34 7.59
CA GLY A 53 15.69 -10.20 6.64
C GLY A 53 15.91 -10.25 5.11
N GLN A 54 16.23 -11.42 4.53
CA GLN A 54 16.15 -11.65 3.09
C GLN A 54 14.69 -11.48 2.51
N VAL A 55 14.58 -10.86 1.32
CA VAL A 55 13.28 -10.66 0.72
C VAL A 55 13.05 -12.00 -0.01
N LEU A 56 12.05 -12.80 0.40
CA LEU A 56 11.87 -14.13 -0.24
C LEU A 56 10.98 -14.02 -1.52
N SER A 57 10.02 -13.12 -1.50
CA SER A 57 9.13 -12.86 -2.66
C SER A 57 8.65 -11.46 -2.49
N ALA A 58 8.51 -10.70 -3.55
CA ALA A 58 7.84 -9.37 -3.40
C ALA A 58 7.23 -8.85 -4.68
N HIS A 59 6.22 -8.00 -4.56
CA HIS A 59 5.59 -7.52 -5.78
C HIS A 59 4.50 -6.52 -5.44
N VAL A 60 4.21 -5.57 -6.36
CA VAL A 60 3.11 -4.64 -6.20
C VAL A 60 2.06 -4.87 -7.31
N SER A 61 0.74 -4.82 -6.96
CA SER A 61 -0.34 -4.71 -7.99
C SER A 61 -0.96 -3.38 -7.83
N GLY A 62 -1.06 -2.71 -8.96
CA GLY A 62 -1.47 -1.34 -8.95
C GLY A 62 -2.63 -1.15 -9.90
N ARG A 63 -3.36 -0.07 -9.71
CA ARG A 63 -4.29 0.37 -10.71
C ARG A 63 -4.35 1.87 -10.57
N VAL A 64 -4.57 2.51 -11.70
CA VAL A 64 -4.83 3.92 -11.70
C VAL A 64 -6.30 4.15 -12.06
N VAL A 65 -6.97 4.91 -11.23
CA VAL A 65 -8.35 5.30 -11.47
C VAL A 65 -8.45 6.81 -11.71
N MET A 66 -9.22 7.20 -12.72
CA MET A 66 -9.33 8.62 -13.05
C MET A 66 -10.74 9.05 -12.81
N LYS A 67 -10.95 10.17 -12.15
CA LYS A 67 -12.31 10.75 -12.24
C LYS A 67 -12.19 12.10 -12.96
N SER A 68 -12.83 12.24 -14.11
CA SER A 68 -12.76 13.45 -14.90
C SER A 68 -14.12 14.10 -15.05
N TYR A 69 -14.07 15.43 -14.93
CA TYR A 69 -15.18 16.30 -15.32
C TYR A 69 -14.63 17.37 -16.28
N LEU A 70 -14.55 17.00 -17.55
CA LEU A 70 -13.89 17.81 -18.56
C LEU A 70 -14.84 18.09 -19.69
N SER A 71 -14.81 19.32 -20.21
CA SER A 71 -15.75 19.72 -21.27
C SER A 71 -15.41 19.07 -22.62
N GLY A 72 -16.47 18.67 -23.34
CA GLY A 72 -16.38 18.17 -24.76
C GLY A 72 -15.81 16.75 -24.98
N MET A 73 -14.85 16.65 -25.88
CA MET A 73 -14.24 15.39 -26.17
C MET A 73 -12.72 15.47 -25.95
N PRO A 74 -12.29 15.62 -24.71
CA PRO A 74 -10.85 15.95 -24.58
C PRO A 74 -9.89 14.75 -24.89
N GLU A 75 -8.86 14.99 -25.68
CA GLU A 75 -7.75 14.03 -25.69
C GLU A 75 -6.72 14.24 -24.57
N CYS A 76 -6.52 13.17 -23.78
CA CYS A 76 -5.69 13.21 -22.61
C CYS A 76 -4.45 12.40 -22.76
N LYS A 77 -3.38 12.79 -22.09
CA LYS A 77 -2.17 12.04 -22.10
C LYS A 77 -1.66 11.85 -20.65
N PHE A 78 -1.53 10.60 -20.21
CA PHE A 78 -1.06 10.29 -18.88
C PHE A 78 0.43 10.07 -18.93
N GLY A 79 1.20 10.88 -18.21
CA GLY A 79 2.69 10.63 -18.12
C GLY A 79 3.13 10.26 -16.71
N MET A 80 3.89 9.17 -16.59
CA MET A 80 4.40 8.68 -15.27
C MET A 80 5.86 8.38 -15.40
N ASN A 81 6.51 7.95 -14.33
CA ASN A 81 7.96 7.81 -14.36
C ASN A 81 8.39 6.38 -14.76
N ASP A 82 7.97 5.91 -15.93
CA ASP A 82 8.31 4.57 -16.44
C ASP A 82 9.63 4.70 -17.20
N LYS A 83 10.39 3.59 -17.47
CA LYS A 83 11.24 3.61 -18.76
C LYS A 83 11.53 2.26 -19.54
N LYS A 102 17.11 9.40 -8.14
CA LYS A 102 16.47 10.05 -9.27
C LYS A 102 15.07 9.44 -9.71
N GLN A 103 14.26 8.93 -8.75
CA GLN A 103 12.80 8.49 -8.95
C GLN A 103 12.29 7.93 -10.39
N SER A 104 12.53 6.63 -10.71
CA SER A 104 12.11 6.07 -12.04
C SER A 104 11.79 4.55 -12.15
N ILE A 105 10.50 4.13 -12.28
CA ILE A 105 10.08 2.66 -12.28
C ILE A 105 9.94 1.69 -13.51
N ALA A 106 9.91 0.39 -13.15
CA ALA A 106 9.81 -0.80 -14.05
C ALA A 106 8.48 -1.56 -13.91
N ILE A 107 7.62 -1.42 -14.92
CA ILE A 107 6.37 -2.14 -15.07
C ILE A 107 6.64 -3.46 -15.77
N ASP A 108 6.45 -4.58 -15.07
CA ASP A 108 6.60 -5.90 -15.70
C ASP A 108 5.46 -6.13 -16.69
N ASP A 109 4.24 -5.76 -16.28
CA ASP A 109 3.13 -5.78 -17.25
C ASP A 109 1.95 -5.02 -16.78
N CYS A 110 1.05 -4.68 -17.70
CA CYS A 110 -0.03 -3.79 -17.41
C CYS A 110 -1.09 -3.82 -18.49
N THR A 111 -2.33 -3.50 -18.11
CA THR A 111 -3.45 -3.49 -19.04
C THR A 111 -4.31 -2.24 -18.89
N PHE A 112 -5.02 -1.94 -19.95
CA PHE A 112 -5.57 -0.64 -20.17
C PHE A 112 -7.06 -0.69 -20.36
N HIS A 113 -7.69 0.42 -19.97
CA HIS A 113 -9.09 0.63 -20.29
C HIS A 113 -9.29 0.58 -21.80
N GLN A 114 -10.49 0.16 -22.22
CA GLN A 114 -10.79 0.17 -23.67
C GLN A 114 -10.39 1.48 -24.43
N CYS A 115 -10.47 2.64 -23.76
CA CYS A 115 -10.19 3.92 -24.39
C CYS A 115 -8.72 4.15 -24.63
N VAL A 116 -7.80 3.39 -24.04
CA VAL A 116 -6.36 3.66 -24.32
C VAL A 116 -5.95 3.16 -25.70
N ARG A 117 -5.37 4.03 -26.52
CA ARG A 117 -4.86 3.63 -27.86
C ARG A 117 -3.46 3.03 -27.67
N LEU A 118 -3.29 1.72 -27.92
CA LEU A 118 -2.04 0.90 -27.62
C LEU A 118 -0.58 1.44 -27.97
N SER A 119 -0.15 1.28 -29.32
CA SER A 119 0.92 2.30 -29.64
C SER A 119 0.29 3.88 -29.13
N ARG A 125 6.53 5.99 -26.78
CA ARG A 125 5.32 5.26 -27.19
C ARG A 125 4.62 4.88 -25.88
N SER A 126 3.60 5.72 -25.53
CA SER A 126 3.12 5.91 -24.18
C SER A 126 1.58 6.43 -24.20
N ILE A 127 0.99 6.94 -23.10
CA ILE A 127 -0.44 6.64 -22.83
C ILE A 127 -1.55 7.67 -23.20
N SER A 128 -2.40 7.34 -24.18
CA SER A 128 -3.33 8.28 -24.83
C SER A 128 -4.79 7.90 -24.94
N PHE A 129 -5.71 8.85 -24.76
CA PHE A 129 -7.13 8.49 -24.74
C PHE A 129 -8.13 9.62 -24.67
N ILE A 130 -9.32 9.35 -25.18
CA ILE A 130 -10.43 10.14 -24.70
C ILE A 130 -11.13 9.40 -23.55
N PRO A 131 -11.11 9.99 -22.35
CA PRO A 131 -11.64 9.22 -21.23
C PRO A 131 -13.18 9.19 -21.19
N PRO A 132 -13.74 8.17 -20.58
CA PRO A 132 -15.17 8.23 -20.28
C PRO A 132 -15.37 9.42 -19.31
N ASP A 133 -16.56 10.02 -19.26
CA ASP A 133 -16.91 11.07 -18.27
C ASP A 133 -17.06 10.37 -16.91
N GLY A 134 -16.63 10.94 -15.77
CA GLY A 134 -16.97 10.30 -14.52
C GLY A 134 -15.76 9.51 -14.08
N GLU A 135 -15.98 8.50 -13.23
CA GLU A 135 -14.94 7.69 -12.69
C GLU A 135 -14.74 6.49 -13.59
N PHE A 136 -13.48 6.10 -13.84
CA PHE A 136 -13.17 4.79 -14.53
C PHE A 136 -11.72 4.24 -14.24
N GLU A 137 -11.46 2.98 -14.56
CA GLU A 137 -10.11 2.45 -14.28
C GLU A 137 -9.29 2.67 -15.52
N LEU A 138 -8.28 3.51 -15.42
CA LEU A 138 -7.42 3.78 -16.57
C LEU A 138 -6.50 2.55 -16.91
N MET A 139 -5.75 2.07 -15.90
CA MET A 139 -4.90 0.94 -16.05
C MET A 139 -4.76 0.15 -14.79
N ARG A 140 -4.23 -1.05 -15.00
CA ARG A 140 -3.89 -2.01 -13.96
C ARG A 140 -2.42 -2.45 -14.25
N TYR A 141 -1.55 -2.56 -13.26
CA TYR A 141 -0.18 -3.03 -13.57
C TYR A 141 0.47 -3.88 -12.46
N ARG A 142 1.64 -4.46 -12.80
CA ARG A 142 2.41 -5.26 -11.82
C ARG A 142 3.90 -4.88 -11.80
N THR A 143 4.52 -4.91 -10.64
CA THR A 143 5.90 -4.49 -10.47
C THR A 143 6.60 -5.51 -9.57
N THR A 144 7.86 -5.81 -9.86
CA THR A 144 8.68 -6.61 -8.93
C THR A 144 10.05 -5.98 -8.61
N LYS A 145 10.61 -5.17 -9.54
CA LYS A 145 11.98 -4.65 -9.32
C LYS A 145 11.86 -3.33 -8.49
N ASP A 146 12.78 -3.11 -7.55
CA ASP A 146 12.97 -1.82 -6.81
C ASP A 146 11.80 -1.37 -6.01
N ILE A 147 11.20 -2.24 -5.23
CA ILE A 147 10.02 -1.86 -4.56
C ILE A 147 10.40 -1.15 -3.29
N ILE A 148 9.63 -0.14 -2.87
CA ILE A 148 9.88 0.38 -1.56
C ILE A 148 9.09 -0.40 -0.56
N LEU A 149 9.79 -1.22 0.25
CA LEU A 149 9.06 -1.94 1.33
C LEU A 149 8.78 -0.98 2.46
N PRO A 150 7.51 -0.62 2.70
CA PRO A 150 7.34 0.38 3.73
C PRO A 150 7.78 0.03 5.16
N PHE A 151 7.81 -1.25 5.54
CA PHE A 151 8.16 -1.65 6.89
C PHE A 151 9.11 -2.84 6.90
N ARG A 152 10.02 -2.88 7.86
CA ARG A 152 10.72 -4.10 8.15
C ARG A 152 10.18 -4.61 9.46
N VAL A 153 9.86 -5.89 9.58
CA VAL A 153 9.50 -6.51 10.86
C VAL A 153 10.66 -7.36 11.39
N ILE A 154 11.04 -7.19 12.62
CA ILE A 154 12.16 -7.96 13.14
C ILE A 154 11.74 -8.75 14.36
N PRO A 155 11.55 -10.05 14.20
CA PRO A 155 11.10 -10.88 15.32
C PRO A 155 12.23 -11.42 16.19
N LEU A 156 11.99 -11.53 17.50
CA LEU A 156 12.90 -12.25 18.39
C LEU A 156 12.05 -13.19 19.30
N VAL A 157 12.32 -14.49 19.25
CA VAL A 157 11.61 -15.42 20.13
C VAL A 157 12.54 -16.32 20.92
N ARG A 158 12.35 -16.34 22.21
CA ARG A 158 13.29 -17.00 23.10
C ARG A 158 12.43 -17.98 23.96
N GLU A 159 12.78 -19.28 23.95
CA GLU A 159 12.03 -20.29 24.71
C GLU A 159 12.56 -20.26 26.07
N VAL A 160 11.70 -20.14 27.06
CA VAL A 160 12.19 -20.07 28.44
C VAL A 160 11.72 -21.31 29.16
N GLY A 161 12.60 -22.29 29.32
CA GLY A 161 12.19 -23.63 29.73
C GLY A 161 11.04 -24.16 28.88
N ARG A 162 10.09 -24.81 29.55
CA ARG A 162 9.00 -25.42 28.81
C ARG A 162 7.77 -24.60 29.10
N THR A 163 7.95 -23.58 29.92
CA THR A 163 6.87 -22.80 30.47
C THR A 163 6.43 -21.48 29.71
N LYS A 164 7.38 -20.75 29.09
CA LYS A 164 7.19 -19.37 28.54
C LYS A 164 7.91 -19.18 27.20
N LEU A 165 7.38 -18.29 26.37
CA LEU A 165 8.10 -17.77 25.20
C LEU A 165 8.22 -16.30 25.45
N GLU A 166 9.45 -15.76 25.44
CA GLU A 166 9.65 -14.32 25.43
C GLU A 166 9.67 -13.96 23.97
N VAL A 167 8.72 -13.16 23.53
CA VAL A 167 8.73 -12.61 22.20
C VAL A 167 9.01 -11.07 22.08
N LYS A 168 10.01 -10.70 21.31
CA LYS A 168 10.16 -9.28 21.02
C LYS A 168 9.97 -8.97 19.49
N VAL A 169 9.17 -7.96 19.14
CA VAL A 169 9.04 -7.64 17.73
C VAL A 169 9.28 -6.15 17.44
N VAL A 170 10.28 -5.83 16.65
CA VAL A 170 10.54 -4.42 16.22
C VAL A 170 9.96 -4.14 14.81
N ILE A 171 9.33 -2.99 14.61
CA ILE A 171 8.91 -2.57 13.28
C ILE A 171 9.64 -1.27 12.92
N LYS A 172 10.16 -1.18 11.70
CA LYS A 172 10.93 0.00 11.27
C LYS A 172 10.19 0.62 10.10
N SER A 173 9.89 1.92 10.16
CA SER A 173 9.23 2.55 9.01
C SER A 173 10.34 2.99 8.02
N ASN A 174 10.18 2.69 6.75
CA ASN A 174 11.20 2.99 5.80
C ASN A 174 10.73 3.92 4.69
N PHE A 175 10.68 5.20 4.95
CA PHE A 175 10.17 6.15 3.97
C PHE A 175 10.35 7.55 4.52
N LYS A 176 9.92 8.56 3.79
CA LYS A 176 10.28 9.94 4.22
C LYS A 176 9.70 10.24 5.62
N PRO A 177 10.49 10.91 6.47
CA PRO A 177 10.19 11.40 7.81
C PRO A 177 8.93 12.23 7.86
N SER A 178 8.69 12.93 6.76
CA SER A 178 7.60 13.86 6.73
C SER A 178 6.30 13.20 6.38
N LEU A 179 6.34 11.91 5.97
CA LEU A 179 5.12 11.03 5.65
C LEU A 179 4.72 10.07 6.85
N LEU A 180 3.42 9.78 7.01
CA LEU A 180 2.87 8.96 8.10
C LEU A 180 2.16 7.75 7.56
N ALA A 181 2.47 6.56 8.05
CA ALA A 181 1.63 5.41 7.72
C ALA A 181 0.44 5.48 8.69
N GLN A 182 -0.64 4.84 8.35
CA GLN A 182 -1.70 4.78 9.35
C GLN A 182 -2.33 3.38 9.29
N LYS A 183 -3.19 3.08 10.26
CA LYS A 183 -3.95 1.80 10.33
C LYS A 183 -2.98 0.64 10.40
N ILE A 184 -1.90 0.83 11.17
CA ILE A 184 -0.90 -0.19 11.34
C ILE A 184 -1.44 -1.30 12.26
N GLU A 185 -1.28 -2.54 11.77
CA GLU A 185 -1.65 -3.70 12.57
C GLU A 185 -0.59 -4.79 12.44
N VAL A 186 -0.03 -5.19 13.59
CA VAL A 186 0.95 -6.22 13.60
C VAL A 186 0.32 -7.40 14.27
N ARG A 187 0.39 -8.53 13.63
CA ARG A 187 -0.28 -9.64 14.20
C ARG A 187 0.68 -10.84 14.47
N ILE A 188 0.84 -11.18 15.75
CA ILE A 188 1.83 -12.16 16.18
C ILE A 188 1.10 -13.45 16.60
N PRO A 189 1.44 -14.57 15.95
CA PRO A 189 0.62 -15.75 16.23
C PRO A 189 1.04 -16.41 17.54
N THR A 190 0.15 -17.13 18.20
CA THR A 190 0.52 -17.76 19.48
C THR A 190 0.17 -19.18 19.39
N PRO A 191 0.90 -20.07 20.07
CA PRO A 191 0.66 -21.52 19.90
C PRO A 191 -0.63 -22.04 20.52
N LEU A 192 -0.97 -23.30 20.24
CA LEU A 192 -2.25 -23.82 20.70
C LEU A 192 -2.33 -24.06 22.24
N ASN A 193 -1.20 -24.37 22.85
CA ASN A 193 -1.17 -24.53 24.30
C ASN A 193 -0.97 -23.21 25.08
N THR A 194 -1.40 -22.05 24.56
CA THR A 194 -1.15 -20.81 25.28
C THR A 194 -2.16 -20.63 26.42
N SER A 195 -1.69 -20.40 27.65
CA SER A 195 -2.65 -20.26 28.73
C SER A 195 -2.93 -18.78 29.01
N GLY A 196 -1.98 -17.90 28.75
CA GLY A 196 -2.20 -16.48 28.94
C GLY A 196 -1.07 -15.74 28.29
N VAL A 197 -1.19 -14.42 28.18
CA VAL A 197 -0.16 -13.64 27.55
C VAL A 197 0.06 -12.28 28.28
N GLN A 198 1.32 -11.84 28.57
CA GLN A 198 1.52 -10.45 28.97
C GLN A 198 2.06 -9.61 27.78
N VAL A 199 1.62 -8.37 27.66
CA VAL A 199 2.32 -7.54 26.76
C VAL A 199 2.57 -6.13 27.20
N ILE A 200 3.65 -5.55 26.66
CA ILE A 200 3.90 -4.17 26.93
C ILE A 200 4.16 -3.54 25.60
N CYS A 201 3.48 -2.46 25.30
CA CYS A 201 3.90 -1.70 24.11
C CYS A 201 3.82 -0.19 24.29
N MET A 202 4.91 0.56 23.98
CA MET A 202 4.92 2.05 24.34
C MET A 202 4.07 2.79 23.35
N LYS A 203 3.92 2.25 22.15
CA LYS A 203 3.11 2.90 21.12
C LYS A 203 1.98 2.04 20.75
N GLY A 204 0.83 2.64 20.42
CA GLY A 204 -0.34 1.86 19.96
C GLY A 204 -0.97 1.07 21.09
N LYS A 205 -1.83 0.09 20.79
CA LYS A 205 -2.54 -0.71 21.80
C LYS A 205 -2.50 -2.14 21.30
N ALA A 206 -2.34 -3.12 22.22
CA ALA A 206 -2.31 -4.56 21.86
C ALA A 206 -3.19 -5.40 22.76
N LYS A 207 -3.91 -6.39 22.20
CA LYS A 207 -4.74 -7.36 22.90
C LYS A 207 -4.40 -8.77 22.46
N TYR A 208 -4.45 -9.74 23.36
CA TYR A 208 -4.33 -11.12 22.94
C TYR A 208 -5.72 -11.63 22.53
N LYS A 209 -5.89 -12.10 21.33
CA LYS A 209 -7.22 -12.65 21.01
C LYS A 209 -7.14 -14.18 21.03
N ALA A 210 -7.66 -14.73 22.12
CA ALA A 210 -7.64 -16.17 22.34
C ALA A 210 -8.29 -16.95 21.20
N SER A 211 -9.47 -16.52 20.78
CA SER A 211 -10.19 -17.27 19.77
C SER A 211 -9.40 -17.25 18.44
N GLU A 212 -8.48 -16.31 18.24
CA GLU A 212 -7.71 -16.28 17.01
C GLU A 212 -6.24 -16.70 17.21
N ASN A 213 -5.81 -17.11 18.40
CA ASN A 213 -4.39 -17.48 18.57
C ASN A 213 -3.43 -16.41 18.04
N ALA A 214 -3.78 -15.12 18.26
CA ALA A 214 -2.85 -14.06 17.95
C ALA A 214 -2.92 -12.89 18.91
N ILE A 215 -1.79 -12.20 19.02
CA ILE A 215 -1.68 -10.91 19.65
C ILE A 215 -1.79 -9.91 18.54
N VAL A 216 -2.78 -9.01 18.67
CA VAL A 216 -2.99 -7.99 17.71
C VAL A 216 -2.53 -6.61 18.26
N TRP A 217 -1.54 -5.99 17.56
CA TRP A 217 -0.93 -4.70 17.95
C TRP A 217 -1.36 -3.65 16.93
N LYS A 218 -2.13 -2.66 17.38
CA LYS A 218 -2.69 -1.63 16.52
C LYS A 218 -2.02 -0.31 16.82
N ILE A 219 -1.57 0.35 15.78
CA ILE A 219 -0.96 1.67 15.94
C ILE A 219 -1.68 2.59 14.97
N LYS A 220 -2.15 3.73 15.47
CA LYS A 220 -2.94 4.66 14.60
C LYS A 220 -2.12 5.34 13.53
N ARG A 221 -0.89 5.81 13.87
CA ARG A 221 -0.11 6.47 12.86
C ARG A 221 1.34 6.35 13.17
N MET A 222 2.24 6.34 12.16
CA MET A 222 3.72 6.30 12.45
C MET A 222 4.50 6.98 11.34
N ALA A 223 5.38 7.88 11.67
CA ALA A 223 6.19 8.56 10.62
C ALA A 223 7.32 7.68 10.10
N GLY A 224 7.88 8.12 8.98
CA GLY A 224 8.94 7.45 8.32
C GLY A 224 10.20 7.51 9.12
N MET A 225 11.07 6.52 8.88
CA MET A 225 12.42 6.51 9.54
C MET A 225 12.34 6.35 11.04
N LYS A 226 11.33 5.65 11.54
CA LYS A 226 11.15 5.53 12.99
C LYS A 226 11.21 4.02 13.32
N GLU A 227 11.22 3.67 14.60
CA GLU A 227 11.28 2.29 15.03
C GLU A 227 10.39 2.12 16.23
N SER A 228 9.70 1.01 16.36
CA SER A 228 8.93 0.74 17.59
C SER A 228 8.94 -0.73 17.91
N GLN A 229 8.93 -1.06 19.22
CA GLN A 229 8.76 -2.46 19.65
C GLN A 229 7.59 -2.81 20.55
N ILE A 230 7.19 -4.11 20.46
CA ILE A 230 6.29 -4.72 21.38
C ILE A 230 7.00 -5.91 22.15
N SER A 231 6.74 -6.13 23.44
CA SER A 231 7.26 -7.31 24.09
C SER A 231 6.09 -8.06 24.61
N ALA A 232 6.18 -9.36 24.59
CA ALA A 232 5.09 -10.25 25.01
C ALA A 232 5.70 -11.40 25.77
N GLU A 233 5.04 -11.93 26.79
CA GLU A 233 5.40 -13.27 27.34
C GLU A 233 4.21 -14.09 27.04
N ILE A 234 4.48 -15.24 26.43
CA ILE A 234 3.46 -16.17 26.14
C ILE A 234 3.63 -17.35 27.09
N GLU A 235 2.58 -17.61 27.90
CA GLU A 235 2.63 -18.67 28.95
C GLU A 235 1.97 -19.92 28.41
N LEU A 236 2.61 -21.06 28.59
CA LEU A 236 2.22 -22.30 27.94
C LEU A 236 1.70 -23.34 28.89
N LEU A 237 0.63 -24.03 28.50
CA LEU A 237 0.20 -25.27 29.17
C LEU A 237 1.18 -26.38 28.89
N PRO A 238 1.26 -27.38 29.78
CA PRO A 238 2.13 -28.48 29.37
C PRO A 238 1.62 -29.06 28.03
N THR A 239 2.49 -29.64 27.25
CA THR A 239 1.96 -30.16 26.02
C THR A 239 2.74 -31.34 25.75
N ASN A 240 2.23 -32.10 24.78
CA ASN A 240 2.90 -33.31 24.36
C ASN A 240 4.33 -33.00 23.76
N ASP A 241 5.36 -33.50 24.47
CA ASP A 241 6.77 -33.00 24.25
C ASP A 241 7.30 -33.03 22.79
N LYS A 242 7.36 -34.26 22.23
CA LYS A 242 7.74 -34.57 20.82
C LYS A 242 7.36 -33.57 19.72
N LYS A 243 6.10 -33.50 19.30
CA LYS A 243 5.76 -32.57 18.19
C LYS A 243 6.08 -31.09 18.53
N LYS A 244 6.80 -30.40 17.63
CA LYS A 244 7.27 -29.03 17.93
C LYS A 244 6.45 -27.89 17.25
N TRP A 245 6.41 -26.68 17.83
CA TRP A 245 5.63 -25.54 17.23
C TRP A 245 6.14 -25.08 15.84
N ALA A 246 5.29 -25.28 14.82
CA ALA A 246 5.58 -24.80 13.48
C ALA A 246 5.21 -23.30 13.48
N ARG A 247 6.14 -22.37 13.71
CA ARG A 247 5.73 -20.92 13.83
C ARG A 247 5.12 -20.25 12.58
N PRO A 248 3.82 -19.88 12.63
CA PRO A 248 3.30 -19.04 11.48
C PRO A 248 4.05 -17.69 11.45
N PRO A 249 4.04 -17.00 10.29
CA PRO A 249 4.74 -15.69 10.20
C PRO A 249 4.01 -14.56 10.91
N ILE A 250 4.71 -13.47 11.21
CA ILE A 250 4.08 -12.34 11.77
C ILE A 250 3.54 -11.50 10.59
N SER A 251 2.24 -11.17 10.52
CA SER A 251 1.80 -10.31 9.41
C SER A 251 1.53 -8.88 9.85
N MET A 252 1.65 -7.94 8.90
CA MET A 252 1.28 -6.55 9.09
C MET A 252 0.19 -6.06 8.14
N ASN A 253 -0.63 -5.11 8.60
CA ASN A 253 -1.27 -4.22 7.68
C ASN A 253 -0.95 -2.80 7.93
N PHE A 254 -1.07 -2.03 6.86
CA PHE A 254 -0.81 -0.57 6.92
C PHE A 254 -1.35 0.13 5.71
N GLU A 255 -1.36 1.42 5.72
CA GLU A 255 -1.67 2.25 4.55
C GLU A 255 -0.63 3.33 4.59
N VAL A 256 -0.07 3.63 3.41
CA VAL A 256 0.90 4.70 3.26
C VAL A 256 0.46 5.63 2.15
N PRO A 257 0.82 6.88 2.28
CA PRO A 257 0.38 7.89 1.33
C PRO A 257 1.40 7.98 0.19
N PHE A 258 1.84 6.84 -0.35
CA PHE A 258 2.66 6.88 -1.57
C PHE A 258 2.61 5.53 -2.20
N ALA A 259 3.16 5.39 -3.41
CA ALA A 259 3.19 4.15 -4.14
C ALA A 259 4.46 3.32 -3.83
N PRO A 260 4.28 2.19 -3.14
CA PRO A 260 5.46 1.33 -2.86
C PRO A 260 6.14 0.98 -4.19
N SER A 261 5.45 0.98 -5.35
CA SER A 261 6.19 0.61 -6.58
C SER A 261 7.20 1.66 -7.02
N GLY A 262 7.06 2.90 -6.54
CA GLY A 262 7.86 4.02 -7.03
C GLY A 262 7.17 4.94 -8.03
N LEU A 263 5.95 4.60 -8.44
CA LEU A 263 5.27 5.33 -9.49
C LEU A 263 4.97 6.72 -9.04
N LYS A 264 5.30 7.66 -9.93
CA LYS A 264 4.94 9.07 -9.74
C LYS A 264 4.20 9.51 -10.98
N VAL A 265 3.05 10.19 -10.81
CA VAL A 265 2.31 10.80 -11.91
C VAL A 265 3.06 12.05 -12.32
N ARG A 266 3.52 12.12 -13.55
CA ARG A 266 4.28 13.31 -13.99
C ARG A 266 3.35 14.40 -14.54
N TYR A 267 2.30 14.01 -15.27
CA TYR A 267 1.38 15.01 -15.78
C TYR A 267 0.18 14.33 -16.34
N LEU A 268 -0.91 15.09 -16.50
CA LEU A 268 -2.11 14.63 -17.16
C LEU A 268 -2.46 15.75 -18.13
N LYS A 269 -2.14 15.55 -19.41
CA LYS A 269 -2.36 16.62 -20.44
C LYS A 269 -3.73 16.56 -21.13
N VAL A 270 -4.44 17.70 -21.08
CA VAL A 270 -5.74 17.81 -21.74
C VAL A 270 -5.64 18.81 -22.90
N PHE A 271 -5.95 18.32 -24.12
CA PHE A 271 -6.02 19.16 -25.36
C PHE A 271 -7.44 18.91 -25.84
N GLU A 272 -8.29 19.94 -25.99
CA GLU A 272 -9.63 19.79 -26.56
C GLU A 272 -9.70 20.84 -27.65
N PRO A 273 -9.69 20.34 -28.91
CA PRO A 273 -9.29 21.20 -30.02
C PRO A 273 -10.42 22.16 -30.46
N LYS A 274 -11.65 21.95 -29.99
CA LYS A 274 -12.80 22.71 -30.42
C LYS A 274 -13.27 23.71 -29.42
N LEU A 275 -13.11 23.42 -28.13
CA LEU A 275 -13.70 24.26 -27.12
C LEU A 275 -12.63 25.18 -26.59
N ASN A 276 -13.05 26.34 -26.09
CA ASN A 276 -12.12 27.41 -25.79
C ASN A 276 -11.51 27.31 -24.40
N TYR A 277 -11.31 26.10 -23.91
CA TYR A 277 -10.51 25.89 -22.67
C TYR A 277 -9.28 25.12 -23.08
N SER A 278 -8.19 25.31 -22.36
CA SER A 278 -6.97 24.53 -22.63
C SER A 278 -6.35 23.92 -21.34
N ASP A 279 -5.11 23.47 -21.43
CA ASP A 279 -4.62 22.53 -20.49
C ASP A 279 -4.43 23.22 -19.14
N HIS A 280 -3.83 24.38 -19.17
CA HIS A 280 -3.71 25.29 -18.04
C HIS A 280 -5.10 25.62 -17.36
N ASP A 281 -6.24 25.52 -18.06
CA ASP A 281 -7.52 25.83 -17.43
C ASP A 281 -7.96 24.63 -16.60
N VAL A 282 -7.36 23.46 -16.79
CA VAL A 282 -7.90 22.28 -16.07
C VAL A 282 -7.31 22.21 -14.62
N ILE A 283 -8.15 21.94 -13.63
CA ILE A 283 -7.68 21.87 -12.24
C ILE A 283 -7.40 20.37 -11.96
N LYS A 284 -6.23 20.00 -11.44
CA LYS A 284 -5.84 18.57 -11.45
C LYS A 284 -5.35 18.06 -10.09
N TRP A 285 -5.75 16.87 -9.66
CA TRP A 285 -5.33 16.43 -8.33
C TRP A 285 -4.83 15.03 -8.47
N VAL A 286 -3.85 14.60 -7.63
CA VAL A 286 -3.46 13.19 -7.54
C VAL A 286 -3.49 12.74 -6.09
N ARG A 287 -3.79 11.46 -5.88
CA ARG A 287 -3.59 10.90 -4.55
C ARG A 287 -3.03 9.51 -4.67
N TYR A 288 -2.11 9.19 -3.73
CA TYR A 288 -1.47 7.84 -3.75
C TYR A 288 -1.97 7.06 -2.52
N ILE A 289 -2.52 5.87 -2.70
CA ILE A 289 -2.91 5.04 -1.53
C ILE A 289 -2.25 3.68 -1.61
N GLY A 290 -1.21 3.46 -0.80
CA GLY A 290 -0.42 2.20 -0.84
C GLY A 290 -0.91 1.39 0.36
N ARG A 291 -1.39 0.17 0.13
CA ARG A 291 -1.84 -0.64 1.26
C ARG A 291 -1.09 -2.02 1.29
N SER A 292 -0.98 -2.66 2.46
CA SER A 292 -0.35 -4.00 2.48
C SER A 292 -1.28 -4.98 1.74
N GLY A 293 -0.69 -5.95 1.05
CA GLY A 293 -1.45 -7.18 0.66
C GLY A 293 -1.09 -8.22 1.74
N ILE A 294 -0.62 -9.37 1.32
CA ILE A 294 0.13 -10.31 2.13
C ILE A 294 1.51 -9.72 2.45
N TYR A 295 1.77 -9.46 3.72
CA TYR A 295 2.99 -8.77 4.18
C TYR A 295 3.48 -9.49 5.45
N GLU A 296 4.36 -10.47 5.25
CA GLU A 296 4.63 -11.51 6.21
C GLU A 296 6.06 -11.70 6.46
N THR A 297 6.38 -11.90 7.72
CA THR A 297 7.79 -12.08 8.08
C THR A 297 7.90 -13.37 8.84
N ARG A 298 8.55 -14.37 8.25
CA ARG A 298 8.70 -15.66 8.96
C ARG A 298 9.36 -15.48 10.37
N CYS A 299 9.07 -16.28 11.39
CA CYS A 299 9.78 -16.00 12.63
C CYS A 299 10.40 -17.22 13.31
N ASP B 1 -9.54 10.53 10.89
CA ASP B 1 -8.90 11.43 9.89
C ASP B 1 -8.12 10.67 8.84
N GLU B 2 -7.62 11.40 7.84
CA GLU B 2 -6.79 10.84 6.75
C GLU B 2 -5.91 11.97 6.10
N GLU B 3 -6.21 12.42 4.86
CA GLU B 3 -6.35 13.88 4.43
C GLU B 3 -5.87 14.69 3.11
N TYR B 4 -5.57 14.13 1.90
CA TYR B 4 -4.91 12.80 1.44
C TYR B 4 -4.28 12.91 -0.06
N GLY B 5 -5.11 13.17 -1.11
CA GLY B 5 -6.56 13.00 -1.01
C GLY B 5 -7.16 14.33 -0.80
N TYR B 6 -6.82 15.21 -1.76
CA TYR B 6 -5.91 14.94 -2.86
C TYR B 6 -4.79 15.96 -2.76
N GLU B 7 -3.73 15.74 -3.50
CA GLU B 7 -2.67 16.81 -3.64
C GLU B 7 -2.80 17.49 -5.03
N CYS B 8 -2.47 18.77 -5.10
CA CYS B 8 -2.41 19.46 -6.38
C CYS B 8 -1.46 18.74 -7.39
N LEU B 9 -1.85 18.63 -8.67
CA LEU B 9 -0.93 18.05 -9.68
C LEU B 9 -0.54 19.11 -10.72
N ASP B 10 0.73 19.45 -10.91
CA ASP B 10 1.05 20.54 -11.86
C ASP B 10 0.55 20.39 -13.30
#